data_9EFO
#
_entry.id   9EFO
#
_entity_poly.entity_id   1
_entity_poly.type   'polypeptide(L)'
_entity_poly.pdbx_seq_one_letter_code
;RKKINMNYIGG
;
_entity_poly.pdbx_strand_id   A
#
# COMPACT_ATOMS: atom_id res chain seq x y z
N ILE A 4 -2.14 -5.16 5.24
CA ILE A 4 -1.34 -4.89 4.05
C ILE A 4 -0.14 -4.01 4.38
N ASN A 5 0.97 -4.27 3.72
CA ASN A 5 2.19 -3.50 3.95
C ASN A 5 1.92 -2.00 3.82
N MET A 6 0.95 -1.65 2.98
CA MET A 6 0.58 -0.26 2.78
C MET A 6 1.68 0.49 2.03
N ASN A 7 2.44 -0.24 1.21
CA ASN A 7 3.52 0.36 0.44
C ASN A 7 3.23 0.28 -1.06
N TYR A 8 2.55 -0.78 -1.47
CA TYR A 8 2.21 -0.98 -2.87
C TYR A 8 1.94 0.36 -3.55
N ILE A 9 1.11 1.18 -2.93
CA ILE A 9 0.77 2.49 -3.48
C ILE A 9 -0.26 3.20 -2.59
N GLY A 10 -1.30 2.48 -2.19
CA GLY A 10 -2.32 3.06 -1.35
C GLY A 10 -3.40 3.76 -2.15
N GLY A 11 -4.30 2.96 -2.76
CA GLY A 11 -5.38 3.53 -3.54
C GLY A 11 -6.64 3.75 -2.74
N ILE A 4 -1.64 -5.30 4.74
CA ILE A 4 -1.16 -5.23 3.37
C ILE A 4 0.03 -4.27 3.27
N ASN A 5 0.47 -3.76 4.41
CA ASN A 5 1.60 -2.83 4.45
C ASN A 5 1.17 -1.43 4.02
N MET A 6 0.40 -1.36 2.93
CA MET A 6 -0.07 -0.09 2.41
C MET A 6 1.06 0.70 1.76
N ASN A 7 1.98 -0.03 1.12
CA ASN A 7 3.12 0.61 0.46
C ASN A 7 3.08 0.35 -1.04
N TYR A 8 2.54 -0.79 -1.43
CA TYR A 8 2.44 -1.16 -2.84
C TYR A 8 2.12 0.07 -3.69
N ILE A 9 1.05 0.77 -3.32
CA ILE A 9 0.63 1.97 -4.05
C ILE A 9 0.16 3.06 -3.09
N GLY A 10 -1.02 2.86 -2.53
CA GLY A 10 -1.57 3.84 -1.60
C GLY A 10 -3.07 3.73 -1.46
N GLY A 11 -3.71 3.09 -2.43
CA GLY A 11 -5.15 2.94 -2.40
C GLY A 11 -5.65 2.43 -1.06
N ILE A 4 -0.71 -6.29 4.87
CA ILE A 4 -0.41 -5.93 3.49
C ILE A 4 0.18 -4.53 3.40
N ASN A 5 -0.18 -3.68 4.37
CA ASN A 5 0.32 -2.31 4.40
C ASN A 5 -0.29 -1.48 3.27
N MET A 6 0.39 -0.40 2.90
CA MET A 6 -0.08 0.48 1.84
C MET A 6 1.08 1.04 1.03
N ASN A 7 2.20 0.33 1.05
CA ASN A 7 3.39 0.77 0.32
C ASN A 7 3.31 0.37 -1.15
N TYR A 8 2.71 -0.78 -1.40
CA TYR A 8 2.56 -1.28 -2.77
C TYR A 8 2.04 -0.20 -3.69
N ILE A 9 1.10 0.60 -3.19
CA ILE A 9 0.51 1.68 -3.98
C ILE A 9 0.07 2.83 -3.08
N GLY A 10 -0.87 2.55 -2.18
CA GLY A 10 -1.36 3.56 -1.27
C GLY A 10 -2.84 3.83 -1.45
N GLY A 11 -3.57 2.82 -1.91
CA GLY A 11 -5.00 2.96 -2.11
C GLY A 11 -5.74 3.23 -0.82
N ILE A 4 -1.11 -6.14 4.67
CA ILE A 4 -0.78 -5.81 3.30
C ILE A 4 0.19 -4.63 3.23
N ASN A 5 0.08 -3.73 4.20
CA ASN A 5 0.94 -2.55 4.26
C ASN A 5 0.66 -1.62 3.10
N MET A 6 0.24 -0.39 3.41
CA MET A 6 -0.07 0.60 2.39
C MET A 6 1.22 1.15 1.77
N ASN A 7 2.00 0.26 1.15
CA ASN A 7 3.24 0.65 0.51
C ASN A 7 3.24 0.28 -0.96
N TYR A 8 2.56 -0.83 -1.28
CA TYR A 8 2.48 -1.31 -2.66
C TYR A 8 2.11 -0.17 -3.61
N ILE A 9 1.07 0.58 -3.25
CA ILE A 9 0.63 1.69 -4.08
C ILE A 9 0.19 2.87 -3.22
N GLY A 10 -0.98 2.76 -2.61
CA GLY A 10 -1.49 3.83 -1.77
C GLY A 10 -3.00 3.95 -1.82
N GLY A 11 -3.68 2.83 -2.00
CA GLY A 11 -5.12 2.84 -2.07
C GLY A 11 -5.77 3.04 -0.72
N ILE A 4 -1.11 -6.14 4.67
CA ILE A 4 -0.78 -5.81 3.30
C ILE A 4 0.19 -4.63 3.23
N ASN A 5 0.08 -3.73 4.20
CA ASN A 5 0.94 -2.55 4.26
C ASN A 5 0.65 -1.62 3.09
N MET A 6 0.24 -0.39 3.41
CA MET A 6 -0.07 0.60 2.39
C MET A 6 1.20 1.15 1.77
N ASN A 7 1.98 0.26 1.15
CA ASN A 7 3.24 0.66 0.51
C ASN A 7 3.24 0.28 -0.96
N TYR A 8 2.56 -0.83 -1.28
CA TYR A 8 2.48 -1.31 -2.66
C TYR A 8 2.11 -0.17 -3.61
N ILE A 9 1.07 0.58 -3.25
CA ILE A 9 0.63 1.69 -4.08
C ILE A 9 0.19 2.87 -3.22
N GLY A 10 -0.98 2.76 -2.61
CA GLY A 10 -1.49 3.83 -1.77
C GLY A 10 -2.99 3.95 -1.83
N GLY A 11 -3.68 2.83 -2.00
CA GLY A 11 -5.12 2.84 -2.07
C GLY A 11 -5.77 3.04 -0.72
N ILE A 4 -1.11 -6.14 4.67
CA ILE A 4 -0.78 -5.81 3.30
C ILE A 4 0.19 -4.63 3.23
N ASN A 5 0.08 -3.73 4.20
CA ASN A 5 0.94 -2.55 4.26
C ASN A 5 0.66 -1.62 3.10
N MET A 6 0.24 -0.39 3.41
CA MET A 6 -0.07 0.60 2.39
C MET A 6 1.20 1.15 1.77
N ASN A 7 1.98 0.26 1.15
CA ASN A 7 3.24 0.66 0.51
C ASN A 7 3.24 0.28 -0.96
N TYR A 8 2.56 -0.83 -1.28
CA TYR A 8 2.48 -1.31 -2.66
C TYR A 8 2.11 -0.17 -3.61
N ILE A 9 1.07 0.58 -3.25
CA ILE A 9 0.63 1.69 -4.08
C ILE A 9 0.19 2.87 -3.22
N GLY A 10 -0.98 2.76 -2.61
CA GLY A 10 -1.49 3.83 -1.77
C GLY A 10 -2.99 3.95 -1.83
N GLY A 11 -3.68 2.83 -2.00
CA GLY A 11 -5.12 2.84 -2.07
C GLY A 11 -5.77 3.04 -0.72
N ILE A 4 -0.62 -6.32 4.83
CA ILE A 4 -0.33 -5.93 3.45
C ILE A 4 0.23 -4.52 3.39
N ASN A 5 -0.14 -3.70 4.37
CA ASN A 5 0.33 -2.31 4.42
C ASN A 5 -0.31 -1.48 3.31
N MET A 6 0.34 -0.39 2.94
CA MET A 6 -0.16 0.48 1.88
C MET A 6 0.99 1.11 1.10
N ASN A 7 2.11 0.39 1.02
CA ASN A 7 3.27 0.87 0.30
C ASN A 7 3.22 0.45 -1.16
N TYR A 8 2.63 -0.71 -1.41
CA TYR A 8 2.52 -1.23 -2.78
C TYR A 8 1.96 -0.17 -3.72
N ILE A 9 0.96 0.58 -3.24
CA ILE A 9 0.34 1.62 -4.04
C ILE A 9 -0.20 2.75 -3.15
N GLY A 10 -0.67 2.37 -1.97
CA GLY A 10 -1.20 3.36 -1.05
C GLY A 10 -2.63 3.76 -1.38
N GLY A 11 -3.41 2.81 -1.89
CA GLY A 11 -4.78 3.08 -2.24
C GLY A 11 -5.67 3.29 -1.03
N ILE A 4 -1.27 -5.70 4.76
CA ILE A 4 -1.08 -5.26 3.38
C ILE A 4 0.10 -4.31 3.27
N ASN A 5 0.49 -3.71 4.39
CA ASN A 5 1.61 -2.78 4.43
C ASN A 5 1.18 -1.40 3.96
N MET A 6 0.29 -1.36 2.98
CA MET A 6 -0.20 -0.09 2.45
C MET A 6 0.92 0.71 1.78
N ASN A 7 1.86 -0.01 1.18
CA ASN A 7 2.98 0.63 0.51
C ASN A 7 2.96 0.34 -0.99
N TYR A 8 2.44 -0.82 -1.36
CA TYR A 8 2.35 -1.22 -2.76
C TYR A 8 2.08 -0.01 -3.65
N ILE A 9 1.03 0.73 -3.32
CA ILE A 9 0.67 1.92 -4.09
C ILE A 9 0.22 3.05 -3.18
N GLY A 10 -0.98 2.94 -2.64
CA GLY A 10 -1.50 3.96 -1.76
C GLY A 10 -2.99 3.84 -1.54
N GLY A 11 -3.68 3.20 -2.48
CA GLY A 11 -5.12 3.02 -2.37
C GLY A 11 -5.53 2.47 -1.01
N ILE A 4 -0.97 -6.09 3.41
CA ILE A 4 -1.26 -4.72 3.03
C ILE A 4 0.01 -3.86 3.08
N ASN A 5 0.38 -3.45 4.29
CA ASN A 5 1.57 -2.62 4.49
C ASN A 5 1.31 -1.18 4.03
N MET A 6 0.37 -1.02 3.11
CA MET A 6 0.02 0.30 2.59
C MET A 6 1.19 0.89 1.80
N ASN A 7 2.06 0.03 1.30
CA ASN A 7 3.22 0.47 0.54
C ASN A 7 3.06 0.10 -0.94
N TYR A 8 2.38 -1.01 -1.19
CA TYR A 8 2.16 -1.47 -2.56
C TYR A 8 1.89 -0.30 -3.50
N ILE A 9 0.95 0.55 -3.10
CA ILE A 9 0.60 1.72 -3.90
C ILE A 9 0.16 2.88 -3.02
N GLY A 10 -1.05 2.76 -2.46
CA GLY A 10 -1.57 3.81 -1.60
C GLY A 10 -3.07 3.76 -1.47
N GLY A 11 -3.73 3.12 -2.44
CA GLY A 11 -5.18 3.01 -2.42
C GLY A 11 -5.70 2.49 -1.09
N ILE A 4 -2.14 -5.10 5.30
CA ILE A 4 -1.35 -4.88 4.09
C ILE A 4 -0.13 -4.01 4.37
N ASN A 5 0.95 -4.27 3.66
CA ASN A 5 2.18 -3.51 3.84
C ASN A 5 1.92 -2.00 3.75
N MET A 6 0.93 -1.63 2.94
CA MET A 6 0.57 -0.24 2.77
C MET A 6 1.66 0.51 2.01
N ASN A 7 2.44 -0.22 1.22
CA ASN A 7 3.51 0.38 0.44
C ASN A 7 3.22 0.28 -1.05
N TYR A 8 2.55 -0.78 -1.45
CA TYR A 8 2.20 -0.98 -2.85
C TYR A 8 1.92 0.34 -3.54
N ILE A 9 1.10 1.17 -2.92
CA ILE A 9 0.75 2.47 -3.47
C ILE A 9 -0.26 3.20 -2.58
N GLY A 10 -1.28 2.47 -2.15
CA GLY A 10 -2.30 3.05 -1.30
C GLY A 10 -3.38 3.78 -2.09
N GLY A 11 -4.25 3.00 -2.73
CA GLY A 11 -5.32 3.60 -3.52
C GLY A 11 -6.66 3.54 -2.81
N ILE A 4 -2.14 -5.10 5.30
CA ILE A 4 -1.35 -4.88 4.09
C ILE A 4 -0.13 -4.01 4.37
N ASN A 5 0.96 -4.27 3.67
CA ASN A 5 2.19 -3.51 3.85
C ASN A 5 1.92 -2.00 3.75
N MET A 6 0.93 -1.63 2.94
CA MET A 6 0.57 -0.24 2.77
C MET A 6 1.66 0.51 2.01
N ASN A 7 2.44 -0.22 1.22
CA ASN A 7 3.51 0.38 0.44
C ASN A 7 3.22 0.29 -1.05
N TYR A 8 2.55 -0.78 -1.45
CA TYR A 8 2.20 -0.98 -2.85
C TYR A 8 1.92 0.34 -3.54
N ILE A 9 1.10 1.17 -2.92
CA ILE A 9 0.75 2.47 -3.47
C ILE A 9 -0.26 3.19 -2.59
N GLY A 10 -1.28 2.46 -2.15
CA GLY A 10 -2.31 3.04 -1.30
C GLY A 10 -3.38 3.77 -2.09
N GLY A 11 -4.26 3.00 -2.74
CA GLY A 11 -5.32 3.58 -3.53
C GLY A 11 -6.64 3.59 -2.79
N ILE A 4 -2.16 -5.12 5.25
CA ILE A 4 -1.36 -4.88 4.06
C ILE A 4 -0.16 -3.99 4.38
N ASN A 5 0.96 -4.27 3.73
CA ASN A 5 2.19 -3.51 3.94
C ASN A 5 1.92 -2.01 3.82
N MET A 6 0.95 -1.65 2.98
CA MET A 6 0.60 -0.25 2.78
C MET A 6 1.70 0.49 2.03
N ASN A 7 2.44 -0.24 1.20
CA ASN A 7 3.53 0.34 0.43
C ASN A 7 3.23 0.27 -1.06
N TYR A 8 2.54 -0.79 -1.47
CA TYR A 8 2.20 -0.98 -2.88
C TYR A 8 1.93 0.36 -3.56
N ILE A 9 1.11 1.18 -2.93
CA ILE A 9 0.78 2.50 -3.47
C ILE A 9 -0.23 3.22 -2.59
N GLY A 10 -1.28 2.51 -2.19
CA GLY A 10 -2.30 3.10 -1.34
C GLY A 10 -3.38 3.80 -2.14
N GLY A 11 -4.29 3.02 -2.72
CA GLY A 11 -5.37 3.58 -3.50
C GLY A 11 -6.71 3.49 -2.80
N ILE A 4 -1.43 -5.96 4.80
CA ILE A 4 -1.26 -5.53 3.42
C ILE A 4 -0.30 -4.36 3.33
N ASN A 5 -0.21 -3.58 4.42
CA ASN A 5 0.69 -2.43 4.46
C ASN A 5 0.18 -1.31 3.55
N MET A 6 1.08 -0.43 3.15
CA MET A 6 0.72 0.69 2.29
C MET A 6 1.86 1.04 1.34
N ASN A 7 2.64 0.02 0.95
CA ASN A 7 3.76 0.21 0.05
C ASN A 7 3.33 0.00 -1.40
N TYR A 8 2.40 -0.92 -1.61
CA TYR A 8 1.90 -1.22 -2.94
C TYR A 8 1.65 0.08 -3.73
N ILE A 9 1.09 1.07 -3.06
CA ILE A 9 0.80 2.35 -3.69
C ILE A 9 0.08 3.29 -2.72
N GLY A 10 -0.88 2.75 -1.98
CA GLY A 10 -1.62 3.55 -1.03
C GLY A 10 -3.09 3.70 -1.41
N GLY A 11 -3.64 2.68 -2.06
CA GLY A 11 -5.02 2.71 -2.47
C GLY A 11 -5.89 1.73 -1.71
N ILE A 4 -1.39 -5.96 4.87
CA ILE A 4 -1.26 -5.51 3.49
C ILE A 4 -0.27 -4.35 3.38
N ASN A 5 -0.13 -3.59 4.46
CA ASN A 5 0.78 -2.45 4.48
C ASN A 5 0.26 -1.33 3.61
N MET A 6 1.16 -0.45 3.18
CA MET A 6 0.79 0.68 2.33
C MET A 6 1.91 1.01 1.35
N ASN A 7 2.64 -0.02 0.93
CA ASN A 7 3.74 0.16 -0.01
C ASN A 7 3.26 -0.03 -1.45
N TYR A 8 2.31 -0.94 -1.63
CA TYR A 8 1.76 -1.21 -2.95
C TYR A 8 1.51 0.08 -3.72
N ILE A 9 0.98 1.08 -3.02
CA ILE A 9 0.69 2.37 -3.64
C ILE A 9 0.02 3.32 -2.65
N GLY A 10 -0.92 2.78 -1.87
CA GLY A 10 -1.62 3.59 -0.90
C GLY A 10 -3.09 3.77 -1.22
N GLY A 11 -3.67 2.76 -1.86
CA GLY A 11 -5.07 2.82 -2.22
C GLY A 11 -5.53 1.60 -3.01
N ILE A 4 -1.48 -5.87 4.79
CA ILE A 4 -1.32 -5.40 3.41
C ILE A 4 0.01 -4.67 3.23
N ASN A 5 0.51 -4.08 4.31
CA ASN A 5 1.77 -3.36 4.28
C ASN A 5 1.64 -2.09 3.44
N MET A 6 1.35 -0.98 4.10
CA MET A 6 1.20 0.31 3.42
C MET A 6 2.45 0.64 2.60
N ASN A 7 2.39 0.38 1.30
CA ASN A 7 3.52 0.65 0.42
C ASN A 7 3.18 0.27 -1.02
N TYR A 8 2.38 -0.78 -1.19
CA TYR A 8 1.98 -1.24 -2.51
C TYR A 8 1.71 -0.05 -3.44
N ILE A 9 0.94 0.90 -2.96
CA ILE A 9 0.60 2.09 -3.75
C ILE A 9 -0.33 3.02 -2.98
N GLY A 10 -1.36 2.44 -2.37
CA GLY A 10 -2.32 3.23 -1.61
C GLY A 10 -3.75 2.99 -2.05
N GLY A 11 -4.18 3.74 -3.06
CA GLY A 11 -5.54 3.58 -3.57
C GLY A 11 -6.53 4.44 -2.81
N ILE A 4 -2.11 -5.12 5.32
CA ILE A 4 -1.35 -4.89 4.11
C ILE A 4 -0.14 -4.00 4.39
N ASN A 5 0.97 -4.28 3.70
CA ASN A 5 2.20 -3.51 3.87
C ASN A 5 1.93 -2.02 3.77
N MET A 6 0.93 -1.66 2.95
CA MET A 6 0.58 -0.26 2.76
C MET A 6 1.67 0.48 2.00
N ASN A 7 2.45 -0.25 1.22
CA ASN A 7 3.53 0.34 0.45
C ASN A 7 3.24 0.27 -1.05
N TYR A 8 2.54 -0.78 -1.46
CA TYR A 8 2.20 -0.98 -2.86
C TYR A 8 1.92 0.35 -3.54
N ILE A 9 1.09 1.18 -2.90
CA ILE A 9 0.75 2.49 -3.45
C ILE A 9 -0.26 3.20 -2.56
N GLY A 10 -1.31 2.48 -2.17
CA GLY A 10 -2.33 3.07 -1.32
C GLY A 10 -3.40 3.79 -2.12
N GLY A 11 -4.28 3.03 -2.76
CA GLY A 11 -5.34 3.63 -3.55
C GLY A 11 -6.68 3.58 -2.85
N ILE A 4 -2.10 -5.13 5.32
CA ILE A 4 -1.35 -4.89 4.11
C ILE A 4 -0.14 -4.00 4.39
N ASN A 5 0.97 -4.28 3.70
CA ASN A 5 2.20 -3.51 3.88
C ASN A 5 1.93 -2.02 3.77
N MET A 6 0.93 -1.66 2.95
CA MET A 6 0.58 -0.26 2.76
C MET A 6 1.67 0.48 2.00
N ASN A 7 2.45 -0.25 1.22
CA ASN A 7 3.53 0.34 0.45
C ASN A 7 3.24 0.27 -1.05
N TYR A 8 2.54 -0.78 -1.46
CA TYR A 8 2.20 -0.98 -2.86
C TYR A 8 1.92 0.36 -3.54
N ILE A 9 1.09 1.18 -2.90
CA ILE A 9 0.75 2.49 -3.45
C ILE A 9 -0.26 3.20 -2.56
N GLY A 10 -1.31 2.48 -2.17
CA GLY A 10 -2.33 3.07 -1.32
C GLY A 10 -3.40 3.79 -2.12
N GLY A 11 -4.28 3.03 -2.76
CA GLY A 11 -5.34 3.63 -3.55
C GLY A 11 -6.68 3.58 -2.85
N ILE A 4 -2.46 -5.02 5.19
CA ILE A 4 -1.61 -4.77 4.02
C ILE A 4 -0.35 -4.03 4.40
N ASN A 5 0.65 -4.09 3.52
CA ASN A 5 1.93 -3.42 3.77
C ASN A 5 1.77 -1.90 3.70
N MET A 6 0.83 -1.45 2.87
CA MET A 6 0.58 -0.02 2.70
C MET A 6 1.71 0.65 1.94
N ASN A 7 2.43 -0.13 1.14
CA ASN A 7 3.54 0.39 0.36
C ASN A 7 3.26 0.28 -1.13
N TYR A 8 2.51 -0.75 -1.51
CA TYR A 8 2.16 -0.98 -2.91
C TYR A 8 1.99 0.35 -3.65
N ILE A 9 1.23 1.26 -3.05
CA ILE A 9 0.98 2.56 -3.65
C ILE A 9 0.05 3.40 -2.78
N GLY A 10 -1.04 2.80 -2.34
CA GLY A 10 -2.00 3.50 -1.50
C GLY A 10 -3.37 2.84 -1.50
N GLY A 11 -4.08 2.97 -2.62
CA GLY A 11 -5.40 2.38 -2.73
C GLY A 11 -6.50 3.33 -2.30
N ILE A 4 -2.09 -6.41 4.29
CA ILE A 4 -1.28 -5.57 3.40
C ILE A 4 -0.85 -4.30 4.09
N ASN A 5 0.39 -3.89 3.85
CA ASN A 5 0.94 -2.67 4.45
C ASN A 5 0.26 -1.43 3.88
N MET A 6 0.97 -0.71 3.02
CA MET A 6 0.44 0.50 2.41
C MET A 6 1.52 1.21 1.59
N ASN A 7 2.44 0.44 1.03
CA ASN A 7 3.52 0.99 0.22
C ASN A 7 3.38 0.58 -1.23
N TYR A 8 2.83 -0.62 -1.46
CA TYR A 8 2.65 -1.13 -2.81
C TYR A 8 2.17 -0.04 -3.75
N ILE A 9 1.11 0.65 -3.36
CA ILE A 9 0.55 1.73 -4.17
C ILE A 9 0.09 2.89 -3.29
N GLY A 10 -1.04 2.71 -2.62
CA GLY A 10 -1.56 3.76 -1.77
C GLY A 10 -3.08 3.77 -1.74
N GLY A 11 -3.69 2.60 -1.84
CA GLY A 11 -5.14 2.51 -1.82
C GLY A 11 -5.71 2.61 -0.43
N ILE A 4 -1.43 -5.31 5.06
CA ILE A 4 -1.19 -5.12 3.63
C ILE A 4 0.11 -4.37 3.40
N ASN A 5 0.82 -4.06 4.48
CA ASN A 5 2.09 -3.35 4.40
C ASN A 5 1.86 -1.86 4.16
N MET A 6 0.95 -1.54 3.24
CA MET A 6 0.64 -0.14 2.93
C MET A 6 1.76 0.50 2.13
N ASN A 7 2.38 -0.29 1.25
CA ASN A 7 3.48 0.20 0.43
C ASN A 7 3.14 0.10 -1.06
N TYR A 8 2.36 -0.92 -1.41
CA TYR A 8 1.96 -1.13 -2.80
C TYR A 8 1.77 0.20 -3.51
N ILE A 9 1.00 1.10 -2.91
CA ILE A 9 0.74 2.40 -3.49
C ILE A 9 -0.23 3.21 -2.63
N GLY A 10 -1.34 2.59 -2.25
CA GLY A 10 -2.33 3.26 -1.43
C GLY A 10 -3.38 3.96 -2.25
N GLY A 11 -4.29 3.18 -2.85
CA GLY A 11 -5.35 3.76 -3.66
C GLY A 11 -6.68 3.75 -2.96
#